data_1VIO
#
_entry.id   1VIO
#
_cell.length_a   57.163
_cell.length_b   76.973
_cell.length_c   62.771
_cell.angle_alpha   90.00
_cell.angle_beta   108.75
_cell.angle_gamma   90.00
#
_symmetry.space_group_name_H-M   'P 1 21 1'
#
loop_
_entity.id
_entity.type
_entity.pdbx_description
1 polymer 'Ribosomal small subunit pseudouridine synthase A'
2 non-polymer 1,4-BUTANEDIOL
3 water water
#
_entity_poly.entity_id   1
_entity_poly.type   'polypeptide(L)'
_entity_poly.pdbx_seq_one_letter_code
;MSLRLDKFIAENVGLTRSQATKAIRQSAVKINGEIVKSGSVQISQEDEIYFEDELLTWIEEGQYFMLNKPQGCVCSNDDG
DYPTIYQFFDYPLAGKLHSAGRLDVDTTGLVLLTDDGQWSHRITSPKHHCEKTYLVTLADPVEENYSAACAEGILLRGEK
EPTKPAKLEILDDYNVNLTISEGRYHQVKRMFAALGNKVVGLHRWKIGDVVLDESLEEGEYRPLTQSEIEKLVEGGSHHH
HHH
;
_entity_poly.pdbx_strand_id   A,B
#
loop_
_chem_comp.id
_chem_comp.type
_chem_comp.name
_chem_comp.formula
BU1 non-polymer 1,4-BUTANEDIOL 'C4 H10 O2'
#
# COMPACT_ATOMS: atom_id res chain seq x y z
N SER A 2 -32.31 17.56 10.49
CA SER A 2 -31.23 16.95 9.67
C SER A 2 -30.11 17.96 9.47
N LEU A 3 -28.97 17.47 9.00
CA LEU A 3 -27.86 18.38 8.73
C LEU A 3 -27.06 17.90 7.55
N ARG A 4 -26.19 18.77 7.07
CA ARG A 4 -25.34 18.46 5.92
C ARG A 4 -24.35 17.35 6.25
N LEU A 5 -24.08 16.51 5.26
CA LEU A 5 -23.12 15.44 5.42
C LEU A 5 -21.76 16.01 5.84
N ASP A 6 -21.35 17.13 5.23
CA ASP A 6 -20.04 17.69 5.58
C ASP A 6 -19.96 18.22 7.00
N LYS A 7 -21.07 18.75 7.52
CA LYS A 7 -21.09 19.24 8.90
C LYS A 7 -21.00 18.04 9.84
N PHE A 8 -21.73 16.99 9.52
CA PHE A 8 -21.72 15.79 10.35
C PHE A 8 -20.32 15.19 10.42
N ILE A 9 -19.68 15.04 9.26
CA ILE A 9 -18.34 14.45 9.21
C ILE A 9 -17.33 15.31 9.96
N ALA A 10 -17.38 16.61 9.74
CA ALA A 10 -16.45 17.51 10.42
C ALA A 10 -16.58 17.43 11.94
N GLU A 11 -17.80 17.52 12.44
CA GLU A 11 -18.03 17.49 13.88
C GLU A 11 -17.81 16.12 14.51
N ASN A 12 -18.22 15.06 13.82
CA ASN A 12 -18.07 13.73 14.38
C ASN A 12 -16.66 13.17 14.34
N VAL A 13 -15.98 13.34 13.21
CA VAL A 13 -14.61 12.83 13.05
C VAL A 13 -13.59 13.80 13.65
N GLY A 14 -13.96 15.07 13.74
CA GLY A 14 -13.05 16.06 14.30
C GLY A 14 -12.14 16.61 13.21
N LEU A 15 -12.74 16.98 12.09
CA LEU A 15 -11.99 17.53 10.96
C LEU A 15 -12.40 18.97 10.71
N THR A 16 -11.53 19.71 10.01
CA THR A 16 -11.83 21.09 9.67
C THR A 16 -12.85 20.97 8.54
N ARG A 17 -13.54 22.05 8.21
CA ARG A 17 -14.53 21.98 7.14
C ARG A 17 -13.84 21.64 5.82
N SER A 18 -12.59 22.08 5.67
CA SER A 18 -11.83 21.80 4.47
C SER A 18 -11.53 20.31 4.36
N GLN A 19 -11.05 19.71 5.45
CA GLN A 19 -10.72 18.29 5.46
C GLN A 19 -11.96 17.44 5.18
N ALA A 20 -13.07 17.81 5.81
CA ALA A 20 -14.32 17.07 5.61
C ALA A 20 -14.75 17.13 4.15
N THR A 21 -14.67 18.33 3.55
CA THR A 21 -15.04 18.49 2.16
C THR A 21 -14.17 17.64 1.25
N LYS A 22 -12.87 17.62 1.51
CA LYS A 22 -11.94 16.83 0.70
C LYS A 22 -12.23 15.34 0.81
N ALA A 23 -12.42 14.86 2.03
CA ALA A 23 -12.70 13.44 2.25
C ALA A 23 -13.96 13.01 1.49
N ILE A 24 -14.99 13.84 1.55
CA ILE A 24 -16.23 13.53 0.86
C ILE A 24 -16.03 13.51 -0.65
N ARG A 25 -15.33 14.51 -1.18
CA ARG A 25 -15.08 14.57 -2.62
C ARG A 25 -14.22 13.40 -3.06
N GLN A 26 -13.40 12.89 -2.14
CA GLN A 26 -12.50 11.78 -2.45
C GLN A 26 -13.09 10.38 -2.22
N SER A 27 -14.42 10.30 -2.16
CA SER A 27 -15.12 9.03 -2.01
C SER A 27 -14.84 8.24 -0.72
N ALA A 28 -14.48 8.93 0.34
CA ALA A 28 -14.19 8.25 1.60
C ALA A 28 -15.40 8.21 2.52
N VAL A 29 -16.50 8.80 2.08
CA VAL A 29 -17.72 8.86 2.91
C VAL A 29 -18.93 8.20 2.27
N LYS A 30 -19.64 7.41 3.08
CA LYS A 30 -20.83 6.71 2.60
C LYS A 30 -22.05 7.02 3.45
N ILE A 31 -23.21 6.99 2.81
CA ILE A 31 -24.48 7.19 3.50
C ILE A 31 -25.23 5.89 3.23
N ASN A 32 -25.53 5.16 4.29
CA ASN A 32 -26.23 3.88 4.18
C ASN A 32 -25.56 2.90 3.24
N GLY A 33 -24.24 2.90 3.25
CA GLY A 33 -23.48 1.97 2.43
C GLY A 33 -23.11 2.42 1.03
N GLU A 34 -23.61 3.59 0.61
CA GLU A 34 -23.31 4.09 -0.72
C GLU A 34 -22.45 5.33 -0.67
N ILE A 35 -21.43 5.38 -1.53
CA ILE A 35 -20.54 6.54 -1.55
C ILE A 35 -21.29 7.79 -2.02
N VAL A 36 -21.15 8.84 -1.24
CA VAL A 36 -21.79 10.12 -1.54
C VAL A 36 -20.69 11.18 -1.53
N LYS A 37 -20.56 11.88 -2.66
CA LYS A 37 -19.52 12.89 -2.82
C LYS A 37 -19.99 14.34 -2.71
N SER A 38 -21.23 14.54 -2.28
CA SER A 38 -21.77 15.88 -2.13
C SER A 38 -21.95 16.18 -0.64
N GLY A 39 -21.18 17.14 -0.14
CA GLY A 39 -21.26 17.47 1.27
C GLY A 39 -22.55 18.13 1.70
N SER A 40 -23.33 18.62 0.75
CA SER A 40 -24.58 19.30 1.07
C SER A 40 -25.76 18.37 1.30
N VAL A 41 -25.59 17.10 0.95
CA VAL A 41 -26.66 16.11 1.13
C VAL A 41 -27.12 16.06 2.59
N GLN A 42 -28.43 16.17 2.79
CA GLN A 42 -29.01 16.16 4.13
C GLN A 42 -29.14 14.74 4.69
N ILE A 43 -28.79 14.58 5.96
CA ILE A 43 -28.91 13.29 6.61
C ILE A 43 -29.63 13.43 7.96
N SER A 44 -30.31 12.37 8.36
CA SER A 44 -31.05 12.33 9.62
C SER A 44 -30.34 11.37 10.58
N GLN A 45 -30.81 11.32 11.82
CA GLN A 45 -30.19 10.45 12.82
C GLN A 45 -30.36 8.98 12.46
N GLU A 46 -31.33 8.66 11.60
CA GLU A 46 -31.58 7.29 11.20
C GLU A 46 -30.64 6.84 10.07
N ASP A 47 -29.98 7.78 9.42
CA ASP A 47 -29.05 7.42 8.35
C ASP A 47 -27.76 6.92 8.98
N GLU A 48 -27.13 5.96 8.29
CA GLU A 48 -25.88 5.37 8.76
C GLU A 48 -24.74 5.98 7.95
N ILE A 49 -23.89 6.74 8.63
CA ILE A 49 -22.78 7.43 8.00
C ILE A 49 -21.45 6.73 8.22
N TYR A 50 -20.69 6.54 7.16
CA TYR A 50 -19.39 5.87 7.26
C TYR A 50 -18.26 6.75 6.78
N PHE A 51 -17.16 6.73 7.53
CA PHE A 51 -15.95 7.47 7.15
C PHE A 51 -14.91 6.37 7.00
N GLU A 52 -14.44 6.17 5.77
CA GLU A 52 -13.47 5.12 5.46
C GLU A 52 -13.97 3.78 6.02
N ASP A 53 -15.26 3.53 5.79
CA ASP A 53 -15.93 2.30 6.20
C ASP A 53 -16.14 2.08 7.69
N GLU A 54 -15.92 3.11 8.51
CA GLU A 54 -16.17 3.01 9.93
C GLU A 54 -17.51 3.70 10.18
N LEU A 55 -18.44 2.96 10.78
CA LEU A 55 -19.77 3.49 11.06
C LEU A 55 -19.75 4.49 12.21
N LEU A 56 -20.19 5.71 11.94
CA LEU A 56 -20.21 6.76 12.95
C LEU A 56 -21.55 6.80 13.68
N THR A 57 -21.56 7.47 14.82
CA THR A 57 -22.78 7.59 15.64
C THR A 57 -23.13 9.06 15.82
N TRP A 58 -24.34 9.45 15.43
CA TRP A 58 -24.77 10.84 15.56
C TRP A 58 -24.75 11.28 17.02
N ILE A 59 -25.59 10.64 17.83
CA ILE A 59 -25.67 10.98 19.25
C ILE A 59 -24.70 10.11 20.03
N GLU A 60 -23.48 10.61 20.20
CA GLU A 60 -22.47 9.86 20.93
C GLU A 60 -22.78 9.81 22.42
N GLU A 61 -22.65 8.63 23.00
CA GLU A 61 -22.91 8.44 24.42
C GLU A 61 -21.60 8.27 25.17
N GLY A 62 -20.57 7.81 24.47
CA GLY A 62 -19.28 7.62 25.12
C GLY A 62 -19.09 6.18 25.56
N GLN A 63 -18.82 5.31 24.60
CA GLN A 63 -18.60 3.90 24.86
C GLN A 63 -17.21 3.57 24.36
N TYR A 64 -16.46 2.80 25.16
CA TYR A 64 -15.09 2.41 24.79
C TYR A 64 -14.83 0.99 25.27
N PHE A 65 -14.43 0.11 24.37
CA PHE A 65 -14.19 -1.29 24.71
C PHE A 65 -12.91 -1.83 24.06
N MET A 66 -12.37 -2.89 24.65
CA MET A 66 -11.22 -3.57 24.06
C MET A 66 -11.66 -5.00 23.82
N LEU A 67 -11.41 -5.48 22.60
CA LEU A 67 -11.77 -6.83 22.20
C LEU A 67 -10.55 -7.64 21.82
N ASN A 68 -10.58 -8.92 22.13
CA ASN A 68 -9.49 -9.82 21.74
C ASN A 68 -10.04 -10.53 20.51
N LYS A 69 -9.69 -10.01 19.34
CA LYS A 69 -10.16 -10.54 18.07
C LYS A 69 -9.56 -11.89 17.68
N PRO A 70 -10.40 -12.83 17.25
CA PRO A 70 -9.92 -14.15 16.84
C PRO A 70 -9.71 -14.14 15.33
N GLN A 71 -9.14 -15.22 14.78
CA GLN A 71 -8.95 -15.30 13.34
C GLN A 71 -10.31 -15.64 12.75
N GLY A 72 -10.45 -15.49 11.44
CA GLY A 72 -11.71 -15.83 10.79
C GLY A 72 -12.82 -14.80 10.83
N CYS A 73 -12.52 -13.59 11.25
CA CYS A 73 -13.55 -12.55 11.28
C CYS A 73 -12.95 -11.23 10.87
N VAL A 74 -13.78 -10.35 10.30
CA VAL A 74 -13.31 -9.06 9.84
C VAL A 74 -13.82 -7.90 10.67
N CYS A 75 -13.15 -6.77 10.55
CA CYS A 75 -13.52 -5.56 11.26
C CYS A 75 -14.29 -4.65 10.31
N SER A 76 -15.59 -4.87 10.22
CA SER A 76 -16.46 -4.10 9.36
C SER A 76 -17.90 -4.52 9.60
N ASN A 77 -18.84 -3.82 8.97
CA ASN A 77 -20.26 -4.15 9.12
C ASN A 77 -20.74 -5.04 7.98
N ASP A 78 -19.93 -5.15 6.93
CA ASP A 78 -20.27 -5.96 5.78
C ASP A 78 -20.20 -7.45 6.12
N ASP A 81 -17.87 -11.14 3.61
CA ASP A 81 -17.44 -12.48 3.20
C ASP A 81 -17.28 -13.38 4.43
N TYR A 82 -16.87 -12.78 5.54
CA TYR A 82 -16.67 -13.51 6.79
C TYR A 82 -17.51 -12.85 7.87
N PRO A 83 -17.69 -13.52 9.02
CA PRO A 83 -18.47 -12.89 10.07
C PRO A 83 -17.66 -11.69 10.55
N THR A 84 -18.28 -10.76 11.26
CA THR A 84 -17.57 -9.57 11.72
C THR A 84 -17.36 -9.60 13.23
N ILE A 85 -16.50 -8.70 13.72
CA ILE A 85 -16.23 -8.62 15.14
C ILE A 85 -17.44 -8.14 15.92
N TYR A 86 -18.39 -7.52 15.23
CA TYR A 86 -19.60 -7.03 15.89
C TYR A 86 -20.55 -8.14 16.29
N GLN A 87 -20.23 -9.37 15.87
CA GLN A 87 -21.03 -10.54 16.21
C GLN A 87 -20.83 -10.80 17.70
N PHE A 88 -19.72 -10.28 18.23
CA PHE A 88 -19.39 -10.49 19.64
C PHE A 88 -20.12 -9.52 20.57
N PHE A 89 -20.91 -8.64 19.98
CA PHE A 89 -21.70 -7.66 20.74
C PHE A 89 -23.17 -7.92 20.48
N ASP A 90 -24.02 -7.52 21.41
CA ASP A 90 -25.45 -7.70 21.23
C ASP A 90 -26.02 -6.39 20.70
N TYR A 91 -27.15 -6.47 20.02
CA TYR A 91 -27.78 -5.27 19.49
C TYR A 91 -28.59 -4.63 20.61
N PRO A 92 -28.82 -3.30 20.55
CA PRO A 92 -28.37 -2.38 19.49
C PRO A 92 -26.93 -1.87 19.63
N LEU A 93 -26.26 -2.23 20.72
CA LEU A 93 -24.89 -1.78 20.94
C LEU A 93 -23.99 -2.07 19.73
N ALA A 94 -24.09 -3.30 19.22
CA ALA A 94 -23.29 -3.70 18.06
C ALA A 94 -23.44 -2.75 16.88
N GLY A 95 -24.59 -2.11 16.77
CA GLY A 95 -24.81 -1.20 15.65
C GLY A 95 -24.44 0.25 15.89
N LYS A 96 -23.85 0.54 17.04
CA LYS A 96 -23.46 1.91 17.35
C LYS A 96 -21.97 2.04 17.60
N LEU A 97 -21.22 1.01 17.23
CA LEU A 97 -19.77 1.03 17.45
C LEU A 97 -18.97 0.94 16.16
N HIS A 98 -17.75 1.44 16.24
CA HIS A 98 -16.81 1.37 15.13
C HIS A 98 -15.43 1.16 15.76
N SER A 99 -14.42 0.85 14.97
CA SER A 99 -13.11 0.61 15.54
C SER A 99 -12.13 1.78 15.44
N ALA A 100 -11.07 1.68 16.23
CA ALA A 100 -10.00 2.68 16.24
C ALA A 100 -8.76 1.93 15.79
N GLY A 101 -8.83 1.39 14.59
CA GLY A 101 -7.72 0.63 14.03
C GLY A 101 -8.14 -0.79 13.76
N ARG A 102 -8.33 -1.11 12.49
CA ARG A 102 -8.76 -2.44 12.09
C ARG A 102 -7.64 -3.44 11.92
N LEU A 103 -7.97 -4.73 12.05
CA LEU A 103 -7.02 -5.82 11.89
C LEU A 103 -7.55 -6.74 10.78
N ASP A 104 -6.65 -7.33 10.02
CA ASP A 104 -7.04 -8.23 8.93
C ASP A 104 -7.75 -9.47 9.46
N VAL A 105 -8.44 -10.16 8.56
CA VAL A 105 -9.21 -11.35 8.91
C VAL A 105 -8.49 -12.38 9.78
N ASP A 106 -7.23 -12.69 9.49
CA ASP A 106 -6.54 -13.67 10.30
C ASP A 106 -5.53 -13.10 11.30
N THR A 107 -5.60 -11.80 11.53
CA THR A 107 -4.73 -11.17 12.52
C THR A 107 -5.58 -11.20 13.79
N THR A 108 -4.95 -11.49 14.92
CA THR A 108 -5.67 -11.57 16.19
C THR A 108 -5.28 -10.46 17.15
N GLY A 109 -6.01 -10.36 18.25
CA GLY A 109 -5.64 -9.38 19.25
C GLY A 109 -6.49 -8.14 19.45
N LEU A 110 -5.84 -7.15 20.03
CA LEU A 110 -6.44 -5.89 20.41
C LEU A 110 -7.11 -5.02 19.35
N VAL A 111 -8.42 -4.84 19.52
CA VAL A 111 -9.22 -3.98 18.66
C VAL A 111 -10.00 -3.12 19.63
N LEU A 112 -9.96 -1.80 19.44
CA LEU A 112 -10.69 -0.90 20.31
C LEU A 112 -11.99 -0.54 19.60
N LEU A 113 -13.10 -0.66 20.31
CA LEU A 113 -14.41 -0.32 19.75
C LEU A 113 -14.95 0.88 20.51
N THR A 114 -15.58 1.79 19.79
CA THR A 114 -16.10 3.01 20.40
C THR A 114 -17.17 3.66 19.54
N ASP A 115 -17.88 4.64 20.11
CA ASP A 115 -18.88 5.39 19.35
C ASP A 115 -18.36 6.82 19.22
N ASP A 116 -17.15 7.04 19.70
CA ASP A 116 -16.50 8.35 19.70
C ASP A 116 -15.62 8.53 18.45
N GLY A 117 -16.14 9.25 17.47
CA GLY A 117 -15.41 9.45 16.24
C GLY A 117 -14.13 10.26 16.35
N GLN A 118 -14.10 11.23 17.25
CA GLN A 118 -12.90 12.05 17.41
C GLN A 118 -11.78 11.26 18.08
N TRP A 119 -12.15 10.49 19.09
CA TRP A 119 -11.21 9.66 19.83
C TRP A 119 -10.59 8.62 18.90
N SER A 120 -11.42 7.93 18.13
CA SER A 120 -10.90 6.92 17.23
C SER A 120 -10.08 7.52 16.09
N HIS A 121 -10.52 8.65 15.55
CA HIS A 121 -9.80 9.29 14.46
C HIS A 121 -8.36 9.64 14.84
N ARG A 122 -8.20 10.21 16.03
CA ARG A 122 -6.88 10.60 16.52
C ARG A 122 -5.93 9.41 16.65
N ILE A 123 -6.48 8.26 16.99
CA ILE A 123 -5.70 7.04 17.15
C ILE A 123 -5.19 6.48 15.82
N THR A 124 -6.00 6.62 14.77
CA THR A 124 -5.62 6.09 13.46
C THR A 124 -5.16 7.14 12.46
N SER A 125 -5.22 8.41 12.85
CA SER A 125 -4.82 9.50 11.97
C SER A 125 -3.34 9.50 11.58
N PRO A 126 -3.05 9.59 10.27
CA PRO A 126 -1.67 9.60 9.77
C PRO A 126 -0.92 10.81 10.29
N LYS A 127 -1.66 11.86 10.63
CA LYS A 127 -1.07 13.09 11.17
C LYS A 127 -0.56 12.83 12.58
N HIS A 128 -1.16 11.84 13.24
CA HIS A 128 -0.75 11.49 14.59
C HIS A 128 0.17 10.27 14.51
N HIS A 129 0.80 9.93 15.62
CA HIS A 129 1.74 8.82 15.63
C HIS A 129 1.49 7.83 16.76
N CYS A 130 0.25 7.37 16.88
CA CYS A 130 -0.10 6.41 17.92
C CYS A 130 0.61 5.08 17.67
N GLU A 131 1.34 4.59 18.66
CA GLU A 131 2.08 3.34 18.52
C GLU A 131 1.20 2.10 18.63
N LYS A 132 1.50 1.10 17.80
CA LYS A 132 0.80 -0.18 17.80
C LYS A 132 1.87 -1.26 17.88
N THR A 133 1.71 -2.19 18.83
CA THR A 133 2.71 -3.25 18.99
C THR A 133 2.14 -4.63 18.66
N TYR A 134 2.86 -5.35 17.79
CA TYR A 134 2.43 -6.67 17.34
C TYR A 134 3.44 -7.77 17.64
N LEU A 135 2.91 -8.94 18.01
CA LEU A 135 3.75 -10.11 18.21
C LEU A 135 3.69 -10.69 16.80
N VAL A 136 4.85 -10.76 16.13
CA VAL A 136 4.90 -11.26 14.76
C VAL A 136 5.62 -12.60 14.70
N THR A 137 4.99 -13.57 14.05
CA THR A 137 5.59 -14.90 13.88
C THR A 137 5.95 -15.01 12.41
N LEU A 138 7.19 -15.41 12.15
CA LEU A 138 7.72 -15.49 10.79
C LEU A 138 7.93 -16.91 10.26
N ALA A 139 7.89 -17.06 8.94
CA ALA A 139 8.07 -18.36 8.30
C ALA A 139 9.53 -18.79 8.34
N ASP A 140 10.43 -17.83 8.13
CA ASP A 140 11.87 -18.10 8.15
C ASP A 140 12.49 -17.43 9.36
N PRO A 141 13.71 -17.84 9.74
CA PRO A 141 14.40 -17.26 10.90
C PRO A 141 14.61 -15.74 10.78
N VAL A 142 14.59 -15.05 11.91
CA VAL A 142 14.80 -13.62 11.93
C VAL A 142 16.29 -13.41 11.68
N GLU A 143 16.67 -12.21 11.27
CA GLU A 143 18.06 -11.91 11.00
C GLU A 143 18.53 -10.75 11.87
N GLU A 144 19.81 -10.75 12.20
CA GLU A 144 20.42 -9.74 13.04
C GLU A 144 20.06 -8.31 12.62
N ASN A 145 20.18 -8.01 11.33
CA ASN A 145 19.90 -6.67 10.83
C ASN A 145 18.45 -6.21 10.82
N TYR A 146 17.53 -7.08 11.23
CA TYR A 146 16.11 -6.70 11.25
C TYR A 146 15.86 -5.47 12.10
N SER A 147 16.48 -5.42 13.28
CA SER A 147 16.31 -4.29 14.18
C SER A 147 16.75 -2.97 13.55
N ALA A 148 17.94 -2.97 12.96
CA ALA A 148 18.44 -1.76 12.32
C ALA A 148 17.56 -1.34 11.15
N ALA A 149 17.11 -2.33 10.36
CA ALA A 149 16.25 -2.03 9.21
C ALA A 149 14.97 -1.33 9.64
N CYS A 150 14.32 -1.85 10.66
CA CYS A 150 13.08 -1.26 11.15
C CYS A 150 13.30 0.11 11.78
N ALA A 151 14.44 0.27 12.45
CA ALA A 151 14.75 1.53 13.10
C ALA A 151 15.12 2.63 12.09
N GLU A 152 15.80 2.24 11.02
CA GLU A 152 16.25 3.21 10.02
C GLU A 152 15.36 3.45 8.81
N GLY A 153 14.34 2.61 8.64
CA GLY A 153 13.43 2.79 7.52
C GLY A 153 13.59 1.85 6.36
N ILE A 154 12.46 1.34 5.87
CA ILE A 154 12.44 0.42 4.73
C ILE A 154 11.61 1.04 3.61
N LEU A 155 12.15 1.03 2.39
CA LEU A 155 11.42 1.57 1.25
C LEU A 155 10.63 0.43 0.61
N LEU A 156 9.31 0.47 0.80
CA LEU A 156 8.42 -0.56 0.28
C LEU A 156 7.98 -0.27 -1.16
N ARG A 157 7.76 -1.34 -1.92
CA ARG A 157 7.29 -1.18 -3.29
C ARG A 157 5.93 -0.51 -3.17
N GLY A 158 5.68 0.50 -3.99
CA GLY A 158 4.40 1.19 -3.94
C GLY A 158 4.41 2.44 -3.08
N GLU A 159 5.51 2.68 -2.37
CA GLU A 159 5.63 3.85 -1.52
C GLU A 159 6.64 4.86 -2.06
N LYS A 160 6.42 6.14 -1.77
CA LYS A 160 7.33 7.18 -2.23
C LYS A 160 8.38 7.47 -1.17
N GLU A 161 8.09 7.11 0.07
CA GLU A 161 9.03 7.34 1.16
C GLU A 161 9.17 6.09 2.03
N PRO A 162 10.34 5.93 2.67
CA PRO A 162 10.57 4.76 3.53
C PRO A 162 9.70 4.80 4.76
N THR A 163 9.52 3.64 5.38
CA THR A 163 8.73 3.56 6.60
C THR A 163 9.39 4.40 7.69
N LYS A 164 8.57 4.97 8.56
CA LYS A 164 9.08 5.79 9.65
C LYS A 164 9.73 4.89 10.69
N PRO A 165 10.60 5.44 11.55
CA PRO A 165 11.28 4.66 12.58
C PRO A 165 10.33 3.74 13.36
N ALA A 166 10.69 2.46 13.43
CA ALA A 166 9.91 1.46 14.15
C ALA A 166 10.84 0.72 15.09
N LYS A 167 10.28 0.13 16.15
CA LYS A 167 11.08 -0.61 17.11
C LYS A 167 10.83 -2.10 17.05
N LEU A 168 11.88 -2.87 16.81
CA LEU A 168 11.75 -4.32 16.73
C LEU A 168 12.53 -4.99 17.85
N GLU A 169 11.86 -5.93 18.51
CA GLU A 169 12.45 -6.69 19.61
C GLU A 169 12.40 -8.17 19.24
N ILE A 170 13.56 -8.82 19.20
CA ILE A 170 13.62 -10.23 18.86
C ILE A 170 13.32 -11.07 20.11
N LEU A 171 12.35 -11.96 20.00
CA LEU A 171 11.95 -12.84 21.10
C LEU A 171 12.65 -14.19 20.97
N ASP A 172 12.63 -14.75 19.77
CA ASP A 172 13.32 -16.01 19.48
C ASP A 172 13.59 -16.08 17.99
N ASP A 173 13.99 -17.24 17.49
CA ASP A 173 14.32 -17.38 16.08
C ASP A 173 13.22 -17.09 15.07
N TYR A 174 11.96 -17.20 15.48
CA TYR A 174 10.85 -16.97 14.56
C TYR A 174 9.82 -15.96 15.05
N ASN A 175 10.09 -15.33 16.19
CA ASN A 175 9.16 -14.37 16.78
C ASN A 175 9.79 -13.06 17.21
N VAL A 176 9.07 -11.96 16.98
CA VAL A 176 9.54 -10.64 17.34
C VAL A 176 8.35 -9.76 17.71
N ASN A 177 8.63 -8.67 18.41
CA ASN A 177 7.60 -7.69 18.72
C ASN A 177 7.96 -6.49 17.85
N LEU A 178 6.99 -5.96 17.12
CA LEU A 178 7.22 -4.80 16.27
C LEU A 178 6.26 -3.69 16.66
N THR A 179 6.82 -2.51 16.91
CA THR A 179 6.01 -1.36 17.26
C THR A 179 6.14 -0.33 16.14
N ILE A 180 5.02 0.02 15.53
CA ILE A 180 5.00 1.02 14.46
C ILE A 180 4.02 2.11 14.85
N SER A 181 4.28 3.33 14.37
CA SER A 181 3.42 4.46 14.66
C SER A 181 2.74 4.91 13.38
N GLU A 182 2.78 4.03 12.39
CA GLU A 182 2.19 4.28 11.08
C GLU A 182 1.08 3.29 10.79
N GLY A 183 0.30 3.59 9.75
CA GLY A 183 -0.78 2.73 9.37
C GLY A 183 -0.90 2.58 7.87
N ARG A 184 0.21 2.26 7.20
CA ARG A 184 0.18 2.09 5.76
C ARG A 184 -0.51 0.76 5.44
N TYR A 185 -1.05 0.66 4.24
CA TYR A 185 -1.75 -0.55 3.81
C TYR A 185 -0.91 -1.81 4.03
N HIS A 186 -1.44 -2.75 4.81
CA HIS A 186 -0.75 -4.01 5.11
C HIS A 186 0.72 -3.77 5.43
N GLN A 187 0.99 -2.73 6.22
CA GLN A 187 2.37 -2.38 6.53
C GLN A 187 3.26 -3.44 7.15
N VAL A 188 2.79 -4.09 8.21
CA VAL A 188 3.62 -5.09 8.86
C VAL A 188 3.97 -6.24 7.92
N LYS A 189 2.98 -6.74 7.19
CA LYS A 189 3.24 -7.84 6.27
C LYS A 189 4.22 -7.44 5.17
N ARG A 190 4.07 -6.21 4.66
CA ARG A 190 4.94 -5.72 3.60
C ARG A 190 6.36 -5.46 4.08
N MET A 191 6.49 -5.00 5.33
CA MET A 191 7.82 -4.75 5.86
C MET A 191 8.63 -6.04 5.95
N PHE A 192 8.02 -7.11 6.47
CA PHE A 192 8.74 -8.36 6.57
C PHE A 192 8.94 -9.00 5.21
N ALA A 193 8.02 -8.78 4.29
CA ALA A 193 8.18 -9.32 2.94
C ALA A 193 9.40 -8.65 2.32
N ALA A 194 9.55 -7.34 2.57
CA ALA A 194 10.67 -6.59 2.01
C ALA A 194 11.99 -7.11 2.56
N LEU A 195 11.96 -7.64 3.78
CA LEU A 195 13.17 -8.17 4.41
C LEU A 195 13.44 -9.60 3.95
N GLY A 196 12.53 -10.13 3.12
CA GLY A 196 12.69 -11.47 2.60
C GLY A 196 12.01 -12.56 3.40
N ASN A 197 11.17 -12.19 4.36
CA ASN A 197 10.48 -13.17 5.19
C ASN A 197 8.98 -13.16 4.89
N LYS A 198 8.21 -13.84 5.72
CA LYS A 198 6.75 -13.90 5.53
C LYS A 198 6.05 -14.02 6.88
N VAL A 199 5.09 -13.15 7.13
CA VAL A 199 4.35 -13.19 8.38
C VAL A 199 3.36 -14.35 8.32
N VAL A 200 3.46 -15.28 9.27
CA VAL A 200 2.56 -16.42 9.31
C VAL A 200 1.68 -16.33 10.56
N GLY A 201 2.01 -15.37 11.43
CA GLY A 201 1.24 -15.16 12.64
C GLY A 201 1.33 -13.70 13.03
N LEU A 202 0.20 -13.10 13.41
CA LEU A 202 0.20 -11.70 13.80
C LEU A 202 -0.84 -11.46 14.90
N HIS A 203 -0.37 -10.94 16.03
CA HIS A 203 -1.21 -10.68 17.19
C HIS A 203 -0.91 -9.31 17.79
N ARG A 204 -1.89 -8.41 17.77
CA ARG A 204 -1.66 -7.09 18.35
C ARG A 204 -1.97 -7.13 19.84
N TRP A 205 -1.06 -6.63 20.67
CA TRP A 205 -1.30 -6.66 22.09
C TRP A 205 -1.19 -5.30 22.76
N LYS A 206 -0.89 -4.26 22.00
CA LYS A 206 -0.78 -2.94 22.58
C LYS A 206 -1.04 -1.80 21.60
N ILE A 207 -1.74 -0.77 22.07
CA ILE A 207 -2.03 0.43 21.27
C ILE A 207 -1.74 1.54 22.25
N GLY A 208 -0.78 2.40 21.90
CA GLY A 208 -0.42 3.47 22.83
C GLY A 208 0.10 2.72 24.04
N ASP A 209 -0.25 3.18 25.24
CA ASP A 209 0.20 2.49 26.45
C ASP A 209 -0.86 1.53 26.99
N VAL A 210 -1.88 1.26 26.19
CA VAL A 210 -2.94 0.35 26.61
C VAL A 210 -2.66 -1.06 26.12
N VAL A 211 -2.54 -1.98 27.08
CA VAL A 211 -2.25 -3.37 26.80
C VAL A 211 -3.51 -4.24 26.79
N LEU A 212 -3.57 -5.17 25.85
CA LEU A 212 -4.71 -6.08 25.75
C LEU A 212 -4.80 -6.89 27.04
N ASP A 213 -5.98 -6.91 27.65
CA ASP A 213 -6.21 -7.65 28.89
C ASP A 213 -5.96 -9.13 28.60
N GLU A 214 -4.92 -9.69 29.20
CA GLU A 214 -4.57 -11.09 28.97
C GLU A 214 -5.64 -12.08 29.42
N SER A 215 -6.58 -11.64 30.26
CA SER A 215 -7.64 -12.53 30.74
C SER A 215 -8.77 -12.70 29.73
N LEU A 216 -8.79 -11.88 28.69
CA LEU A 216 -9.83 -11.98 27.69
C LEU A 216 -9.61 -13.13 26.71
N GLU A 217 -10.58 -14.03 26.62
CA GLU A 217 -10.49 -15.14 25.69
C GLU A 217 -10.83 -14.53 24.34
N GLU A 218 -10.48 -15.20 23.25
CA GLU A 218 -10.80 -14.66 21.93
C GLU A 218 -12.31 -14.54 21.81
N GLY A 219 -12.77 -13.39 21.32
CA GLY A 219 -14.19 -13.16 21.17
C GLY A 219 -14.75 -12.40 22.35
N GLU A 220 -13.98 -12.29 23.43
CA GLU A 220 -14.43 -11.59 24.62
C GLU A 220 -13.94 -10.14 24.63
N TYR A 221 -14.71 -9.27 25.28
CA TYR A 221 -14.34 -7.87 25.35
C TYR A 221 -14.71 -7.32 26.73
N ARG A 222 -14.15 -6.16 27.05
CA ARG A 222 -14.46 -5.49 28.30
C ARG A 222 -14.39 -3.99 28.06
N PRO A 223 -15.10 -3.20 28.88
CA PRO A 223 -15.03 -1.76 28.69
C PRO A 223 -13.66 -1.26 29.14
N LEU A 224 -13.20 -0.17 28.53
CA LEU A 224 -11.92 0.41 28.91
C LEU A 224 -12.15 1.15 30.22
N THR A 225 -11.08 1.32 31.00
CA THR A 225 -11.19 2.07 32.24
C THR A 225 -11.00 3.52 31.83
N GLN A 226 -11.38 4.45 32.69
CA GLN A 226 -11.24 5.87 32.39
C GLN A 226 -9.77 6.18 32.13
N SER A 227 -8.90 5.50 32.87
CA SER A 227 -7.45 5.70 32.73
C SER A 227 -6.99 5.31 31.33
N GLU A 228 -7.50 4.18 30.84
CA GLU A 228 -7.11 3.72 29.51
C GLU A 228 -7.66 4.65 28.43
N ILE A 229 -8.90 5.11 28.60
CA ILE A 229 -9.52 6.01 27.64
C ILE A 229 -8.66 7.28 27.54
N GLU A 230 -8.28 7.82 28.69
CA GLU A 230 -7.46 9.03 28.72
C GLU A 230 -6.05 8.84 28.18
N LYS A 231 -5.47 7.66 28.39
CA LYS A 231 -4.13 7.40 27.89
C LYS A 231 -4.08 7.46 26.38
N LEU A 232 -5.20 7.14 25.74
CA LEU A 232 -5.29 7.15 24.29
C LEU A 232 -5.79 8.50 23.75
N VAL A 233 -5.93 9.48 24.64
CA VAL A 233 -6.38 10.81 24.23
C VAL A 233 -5.20 11.69 23.89
N SER B 2 38.13 -0.36 -7.22
CA SER B 2 36.73 -0.12 -6.75
C SER B 2 36.42 1.37 -6.76
N LEU B 3 35.15 1.71 -6.56
CA LEU B 3 34.74 3.11 -6.54
C LEU B 3 33.63 3.31 -5.50
N ARG B 4 33.33 4.57 -5.20
CA ARG B 4 32.29 4.90 -4.24
C ARG B 4 30.90 4.52 -4.70
N LEU B 5 30.06 4.10 -3.76
CA LEU B 5 28.68 3.73 -4.06
C LEU B 5 27.92 4.91 -4.64
N ASP B 6 28.08 6.10 -4.06
CA ASP B 6 27.35 7.24 -4.57
C ASP B 6 27.79 7.63 -5.98
N LYS B 7 29.07 7.46 -6.31
CA LYS B 7 29.52 7.77 -7.66
C LYS B 7 28.84 6.80 -8.63
N PHE B 8 28.80 5.52 -8.25
CA PHE B 8 28.17 4.51 -9.10
C PHE B 8 26.69 4.79 -9.30
N ILE B 9 25.97 5.08 -8.21
CA ILE B 9 24.55 5.35 -8.30
C ILE B 9 24.27 6.60 -9.15
N ALA B 10 25.03 7.66 -8.92
CA ALA B 10 24.82 8.89 -9.67
C ALA B 10 25.01 8.66 -11.17
N GLU B 11 26.11 8.02 -11.53
CA GLU B 11 26.40 7.80 -12.95
C GLU B 11 25.53 6.76 -13.63
N ASN B 12 25.15 5.71 -12.93
CA ASN B 12 24.35 4.67 -13.54
C ASN B 12 22.85 4.90 -13.51
N VAL B 13 22.38 5.75 -12.60
CA VAL B 13 20.96 6.05 -12.50
C VAL B 13 20.67 7.44 -13.08
N GLY B 14 21.73 8.18 -13.38
CA GLY B 14 21.58 9.52 -13.95
C GLY B 14 21.08 10.54 -12.94
N LEU B 15 21.70 10.55 -11.76
CA LEU B 15 21.31 11.46 -10.71
C LEU B 15 22.50 12.34 -10.32
N THR B 16 22.22 13.47 -9.71
CA THR B 16 23.30 14.34 -9.24
C THR B 16 23.82 13.61 -8.00
N ARG B 17 24.98 13.99 -7.51
CA ARG B 17 25.51 13.32 -6.32
C ARG B 17 24.58 13.59 -5.14
N SER B 18 23.92 14.74 -5.13
CA SER B 18 23.00 15.08 -4.05
C SER B 18 21.77 14.18 -4.12
N GLN B 19 21.27 13.95 -5.32
CA GLN B 19 20.10 13.10 -5.49
C GLN B 19 20.45 11.66 -5.15
N ALA B 20 21.66 11.23 -5.50
CA ALA B 20 22.09 9.87 -5.19
C ALA B 20 22.20 9.73 -3.67
N THR B 21 22.69 10.78 -3.03
CA THR B 21 22.86 10.77 -1.59
C THR B 21 21.51 10.70 -0.89
N LYS B 22 20.53 11.43 -1.42
CA LYS B 22 19.19 11.42 -0.84
C LYS B 22 18.57 10.03 -1.01
N ALA B 23 18.73 9.44 -2.18
CA ALA B 23 18.18 8.11 -2.45
C ALA B 23 18.75 7.11 -1.46
N ILE B 24 20.05 7.21 -1.20
CA ILE B 24 20.71 6.33 -0.26
C ILE B 24 20.11 6.55 1.14
N ARG B 25 19.86 7.81 1.48
CA ARG B 25 19.28 8.15 2.78
C ARG B 25 17.85 7.63 2.91
N GLN B 26 17.16 7.48 1.78
CA GLN B 26 15.78 7.00 1.78
C GLN B 26 15.65 5.49 1.64
N SER B 27 16.74 4.77 1.86
CA SER B 27 16.76 3.30 1.81
C SER B 27 16.47 2.71 0.43
N ALA B 28 16.77 3.48 -0.62
CA ALA B 28 16.52 3.02 -1.97
C ALA B 28 17.69 2.27 -2.58
N VAL B 29 18.81 2.22 -1.87
CA VAL B 29 20.00 1.57 -2.39
C VAL B 29 20.49 0.38 -1.58
N LYS B 30 20.76 -0.71 -2.28
CA LYS B 30 21.25 -1.94 -1.64
C LYS B 30 22.50 -2.46 -2.31
N ILE B 31 23.34 -3.11 -1.52
CA ILE B 31 24.55 -3.75 -2.03
C ILE B 31 24.36 -5.21 -1.62
N ASN B 32 24.29 -6.09 -2.60
CA ASN B 32 24.10 -7.51 -2.34
C ASN B 32 22.90 -7.78 -1.41
N GLY B 33 21.78 -7.12 -1.72
CA GLY B 33 20.57 -7.33 -0.93
C GLY B 33 20.45 -6.59 0.38
N GLU B 34 21.53 -5.97 0.83
CA GLU B 34 21.50 -5.24 2.09
C GLU B 34 21.32 -3.74 1.90
N ILE B 35 20.43 -3.14 2.69
CA ILE B 35 20.19 -1.70 2.61
C ILE B 35 21.46 -1.02 3.12
N VAL B 36 22.01 -0.11 2.32
CA VAL B 36 23.21 0.61 2.70
C VAL B 36 22.89 2.10 2.75
N LYS B 37 23.28 2.76 3.83
CA LYS B 37 22.98 4.17 4.03
C LYS B 37 24.18 5.12 3.93
N SER B 38 25.30 4.60 3.43
CA SER B 38 26.50 5.41 3.28
C SER B 38 26.97 5.42 1.82
N GLY B 39 27.09 6.59 1.24
CA GLY B 39 27.52 6.69 -0.15
C GLY B 39 29.01 6.51 -0.34
N SER B 40 29.77 6.48 0.76
CA SER B 40 31.21 6.32 0.67
C SER B 40 31.69 4.87 0.60
N VAL B 41 30.79 3.92 0.83
CA VAL B 41 31.15 2.50 0.79
C VAL B 41 31.75 2.15 -0.57
N GLN B 42 32.91 1.49 -0.55
CA GLN B 42 33.59 1.08 -1.79
C GLN B 42 32.98 -0.20 -2.35
N ILE B 43 32.74 -0.22 -3.66
CA ILE B 43 32.15 -1.38 -4.33
C ILE B 43 32.93 -1.75 -5.60
N SER B 44 32.76 -3.00 -6.03
CA SER B 44 33.42 -3.50 -7.22
C SER B 44 32.45 -4.39 -8.01
N GLN B 45 32.90 -4.92 -9.14
CA GLN B 45 32.06 -5.77 -9.98
C GLN B 45 31.65 -7.08 -9.29
N GLU B 46 32.25 -7.37 -8.14
CA GLU B 46 31.90 -8.58 -7.41
C GLU B 46 30.60 -8.29 -6.64
N ASP B 47 30.22 -7.02 -6.60
CA ASP B 47 29.02 -6.60 -5.89
C ASP B 47 27.84 -6.38 -6.81
N GLU B 48 26.66 -6.71 -6.31
CA GLU B 48 25.44 -6.47 -7.07
C GLU B 48 24.80 -5.25 -6.43
N ILE B 49 24.59 -4.21 -7.23
CA ILE B 49 24.02 -2.95 -6.75
C ILE B 49 22.58 -2.80 -7.19
N TYR B 50 21.71 -2.44 -6.24
CA TYR B 50 20.30 -2.29 -6.52
C TYR B 50 19.77 -0.90 -6.21
N PHE B 51 18.91 -0.40 -7.08
CA PHE B 51 18.27 0.91 -6.87
C PHE B 51 16.78 0.61 -6.95
N GLU B 52 16.06 0.89 -5.86
CA GLU B 52 14.63 0.61 -5.79
C GLU B 52 14.39 -0.85 -6.20
N ASP B 53 15.28 -1.70 -5.72
CA ASP B 53 15.25 -3.15 -5.94
C ASP B 53 15.52 -3.64 -7.36
N GLU B 54 15.97 -2.75 -8.23
CA GLU B 54 16.31 -3.15 -9.60
C GLU B 54 17.83 -3.34 -9.66
N LEU B 55 18.25 -4.46 -10.21
CA LEU B 55 19.68 -4.75 -10.30
C LEU B 55 20.34 -3.96 -11.43
N LEU B 56 21.32 -3.14 -11.09
CA LEU B 56 22.03 -2.32 -12.07
C LEU B 56 23.23 -3.12 -12.59
N THR B 57 23.54 -2.97 -13.87
CA THR B 57 24.67 -3.70 -14.44
C THR B 57 25.95 -2.88 -14.45
N TRP B 58 27.08 -3.57 -14.31
CA TRP B 58 28.38 -2.91 -14.33
C TRP B 58 28.86 -2.67 -15.75
N ILE B 59 28.23 -3.36 -16.69
CA ILE B 59 28.60 -3.22 -18.09
C ILE B 59 27.39 -2.82 -18.92
N GLU B 60 27.06 -1.53 -18.89
CA GLU B 60 25.91 -1.03 -19.64
C GLU B 60 26.28 -0.95 -21.11
N GLU B 61 25.37 -1.41 -21.97
CA GLU B 61 25.61 -1.39 -23.41
C GLU B 61 24.51 -0.63 -24.13
N GLY B 62 23.32 -0.62 -23.54
CA GLY B 62 22.20 0.07 -24.15
C GLY B 62 21.25 -0.92 -24.81
N GLN B 63 20.48 -1.63 -23.99
CA GLN B 63 19.53 -2.61 -24.48
C GLN B 63 18.15 -2.30 -23.90
N TYR B 64 17.14 -2.37 -24.76
CA TYR B 64 15.77 -2.05 -24.36
C TYR B 64 14.79 -3.02 -25.01
N PHE B 65 13.91 -3.60 -24.19
CA PHE B 65 12.94 -4.57 -24.69
C PHE B 65 11.56 -4.38 -24.09
N MET B 66 10.54 -4.90 -24.77
CA MET B 66 9.18 -4.88 -24.25
C MET B 66 8.75 -6.35 -24.17
N LEU B 67 8.22 -6.75 -23.02
CA LEU B 67 7.78 -8.11 -22.79
C LEU B 67 6.28 -8.16 -22.52
N ASN B 68 5.62 -9.21 -23.00
CA ASN B 68 4.19 -9.38 -22.73
C ASN B 68 4.19 -10.38 -21.58
N LYS B 69 4.08 -9.86 -20.36
CA LYS B 69 4.10 -10.68 -19.16
C LYS B 69 2.82 -11.49 -18.90
N PRO B 70 2.98 -12.77 -18.58
CA PRO B 70 1.82 -13.63 -18.30
C PRO B 70 1.60 -13.62 -16.79
N GLN B 71 0.51 -14.24 -16.35
CA GLN B 71 0.23 -14.31 -14.92
C GLN B 71 1.14 -15.38 -14.34
N GLY B 72 1.23 -15.45 -13.01
CA GLY B 72 2.05 -16.47 -12.39
C GLY B 72 3.56 -16.24 -12.31
N CYS B 73 4.01 -15.02 -12.56
CA CYS B 73 5.43 -14.73 -12.47
C CYS B 73 5.63 -13.30 -11.99
N VAL B 74 6.77 -13.05 -11.35
CA VAL B 74 7.07 -11.72 -10.83
C VAL B 74 8.19 -11.04 -11.59
N CYS B 75 8.39 -9.75 -11.33
CA CYS B 75 9.41 -8.97 -11.99
C CYS B 75 10.65 -8.74 -11.13
N SER B 76 11.06 -9.77 -10.39
CA SER B 76 12.25 -9.67 -9.55
C SER B 76 13.36 -10.49 -10.21
N ASN B 77 14.60 -10.02 -10.08
CA ASN B 77 15.73 -10.74 -10.68
C ASN B 77 15.88 -12.13 -10.09
N ASP B 78 15.40 -12.30 -8.87
CA ASP B 78 15.48 -13.59 -8.20
C ASP B 78 14.12 -13.97 -7.63
N ASP B 81 9.25 -17.96 -4.60
CA ASP B 81 7.82 -18.24 -4.45
C ASP B 81 7.21 -18.42 -5.84
N TYR B 82 7.48 -17.48 -6.74
CA TYR B 82 6.95 -17.53 -8.09
C TYR B 82 8.10 -17.37 -9.08
N PRO B 83 7.96 -17.89 -10.30
CA PRO B 83 9.02 -17.76 -11.31
C PRO B 83 9.13 -16.27 -11.67
N THR B 84 10.18 -15.89 -12.39
CA THR B 84 10.33 -14.48 -12.76
C THR B 84 10.30 -14.27 -14.27
N ILE B 85 10.13 -13.01 -14.67
CA ILE B 85 10.09 -12.66 -16.08
C ILE B 85 11.42 -12.93 -16.77
N TYR B 86 12.50 -13.06 -16.00
CA TYR B 86 13.80 -13.29 -16.60
C TYR B 86 13.95 -14.70 -17.18
N GLN B 87 12.96 -15.54 -16.94
CA GLN B 87 12.97 -16.90 -17.47
C GLN B 87 12.75 -16.83 -18.97
N PHE B 88 12.20 -15.72 -19.44
CA PHE B 88 11.91 -15.53 -20.85
C PHE B 88 13.09 -15.03 -21.66
N PHE B 89 14.23 -14.83 -20.99
CA PHE B 89 15.44 -14.38 -21.65
C PHE B 89 16.54 -15.41 -21.42
N ASP B 90 17.45 -15.52 -22.37
CA ASP B 90 18.56 -16.46 -22.21
C ASP B 90 19.71 -15.71 -21.56
N TYR B 91 20.63 -16.46 -20.95
CA TYR B 91 21.79 -15.83 -20.34
C TYR B 91 22.87 -15.79 -21.43
N PRO B 92 23.81 -14.85 -21.32
CA PRO B 92 23.93 -13.84 -20.27
C PRO B 92 23.03 -12.60 -20.39
N LEU B 93 22.20 -12.51 -21.42
CA LEU B 93 21.34 -11.34 -21.56
C LEU B 93 20.45 -11.12 -20.33
N ALA B 94 19.83 -12.20 -19.85
CA ALA B 94 18.95 -12.12 -18.70
C ALA B 94 19.61 -11.45 -17.49
N GLY B 95 20.90 -11.73 -17.30
CA GLY B 95 21.63 -11.17 -16.17
C GLY B 95 22.05 -9.72 -16.31
N LYS B 96 21.79 -9.10 -17.46
CA LYS B 96 22.17 -7.71 -17.67
C LYS B 96 20.99 -6.77 -17.56
N LEU B 97 19.79 -7.34 -17.46
CA LEU B 97 18.58 -6.54 -17.43
C LEU B 97 17.84 -6.35 -16.11
N HIS B 98 17.09 -5.25 -16.05
CA HIS B 98 16.23 -4.95 -14.92
C HIS B 98 14.98 -4.33 -15.54
N SER B 99 13.98 -4.02 -14.73
CA SER B 99 12.75 -3.46 -15.30
C SER B 99 12.57 -1.97 -15.06
N ALA B 100 11.73 -1.36 -15.89
CA ALA B 100 11.40 0.05 -15.79
C ALA B 100 9.92 0.09 -15.45
N GLY B 101 9.58 -0.44 -14.28
CA GLY B 101 8.19 -0.49 -13.86
C GLY B 101 7.72 -1.92 -13.75
N ARG B 102 7.60 -2.44 -12.53
CA ARG B 102 7.17 -3.81 -12.34
C ARG B 102 5.66 -3.99 -12.40
N LEU B 103 5.25 -5.25 -12.61
CA LEU B 103 3.84 -5.62 -12.63
C LEU B 103 3.69 -6.73 -11.60
N ASP B 104 2.55 -6.75 -10.92
CA ASP B 104 2.29 -7.76 -9.91
C ASP B 104 2.20 -9.15 -10.51
N VAL B 105 2.31 -10.16 -9.65
CA VAL B 105 2.29 -11.54 -10.10
C VAL B 105 1.17 -11.89 -11.08
N ASP B 106 -0.06 -11.45 -10.80
CA ASP B 106 -1.16 -11.77 -11.70
C ASP B 106 -1.61 -10.69 -12.68
N THR B 107 -0.81 -9.63 -12.80
CA THR B 107 -1.13 -8.58 -13.75
C THR B 107 -0.38 -9.00 -15.01
N THR B 108 -1.01 -8.84 -16.17
CA THR B 108 -0.36 -9.22 -17.43
C THR B 108 0.00 -8.00 -18.25
N GLY B 109 0.76 -8.22 -19.30
CA GLY B 109 1.07 -7.09 -20.16
C GLY B 109 2.47 -6.52 -20.20
N LEU B 110 2.50 -5.27 -20.66
CA LEU B 110 3.72 -4.53 -20.88
C LEU B 110 4.70 -4.29 -19.75
N VAL B 111 5.87 -4.90 -19.87
CA VAL B 111 6.95 -4.72 -18.93
C VAL B 111 8.15 -4.33 -19.78
N LEU B 112 8.81 -3.25 -19.41
CA LEU B 112 9.98 -2.78 -20.14
C LEU B 112 11.23 -3.28 -19.43
N LEU B 113 12.14 -3.89 -20.17
CA LEU B 113 13.39 -4.39 -19.61
C LEU B 113 14.55 -3.65 -20.26
N THR B 114 15.58 -3.34 -19.47
CA THR B 114 16.71 -2.58 -19.99
C THR B 114 17.93 -2.72 -19.09
N ASP B 115 19.10 -2.36 -19.61
CA ASP B 115 20.32 -2.39 -18.81
C ASP B 115 20.70 -0.95 -18.50
N ASP B 116 19.83 -0.03 -18.91
CA ASP B 116 20.03 1.42 -18.74
C ASP B 116 19.30 1.98 -17.53
N GLY B 117 20.04 2.17 -16.44
CA GLY B 117 19.44 2.68 -15.22
C GLY B 117 18.96 4.12 -15.26
N GLN B 118 19.54 4.92 -16.15
CA GLN B 118 19.14 6.31 -16.27
C GLN B 118 17.78 6.36 -16.96
N TRP B 119 17.65 5.56 -18.01
CA TRP B 119 16.41 5.49 -18.79
C TRP B 119 15.27 4.92 -17.94
N SER B 120 15.50 3.82 -17.25
CA SER B 120 14.45 3.23 -16.43
C SER B 120 14.01 4.16 -15.30
N HIS B 121 14.97 4.84 -14.67
CA HIS B 121 14.60 5.72 -13.57
C HIS B 121 13.75 6.90 -14.05
N ARG B 122 14.08 7.46 -15.22
CA ARG B 122 13.31 8.58 -15.76
C ARG B 122 11.86 8.16 -15.98
N ILE B 123 11.67 6.91 -16.36
CA ILE B 123 10.34 6.36 -16.63
C ILE B 123 9.52 6.15 -15.37
N THR B 124 10.16 5.69 -14.29
CA THR B 124 9.46 5.42 -13.05
C THR B 124 9.53 6.54 -12.01
N SER B 125 10.28 7.59 -12.31
CA SER B 125 10.39 8.71 -11.37
C SER B 125 9.06 9.43 -11.22
N PRO B 126 8.61 9.65 -9.97
CA PRO B 126 7.34 10.33 -9.71
C PRO B 126 7.25 11.70 -10.38
N LYS B 127 8.37 12.42 -10.38
CA LYS B 127 8.42 13.75 -10.98
C LYS B 127 8.00 13.73 -12.44
N HIS B 128 8.45 12.70 -13.17
CA HIS B 128 8.12 12.58 -14.58
C HIS B 128 6.69 12.08 -14.78
N HIS B 129 6.07 11.61 -13.70
CA HIS B 129 4.70 11.10 -13.72
C HIS B 129 4.30 10.48 -15.06
N CYS B 130 5.02 9.43 -15.43
CA CYS B 130 4.76 8.71 -16.67
C CYS B 130 3.39 8.03 -16.63
N GLU B 131 2.61 8.17 -17.68
CA GLU B 131 1.28 7.56 -17.73
C GLU B 131 1.28 6.08 -18.09
N LYS B 132 0.56 5.29 -17.30
CA LYS B 132 0.45 3.86 -17.54
C LYS B 132 -1.03 3.53 -17.71
N THR B 133 -1.35 2.84 -18.81
CA THR B 133 -2.76 2.50 -19.08
C THR B 133 -3.02 1.00 -18.95
N TYR B 134 -4.06 0.67 -18.20
CA TYR B 134 -4.43 -0.72 -17.96
C TYR B 134 -5.84 -1.05 -18.45
N LEU B 135 -6.00 -2.25 -19.00
CA LEU B 135 -7.31 -2.74 -19.40
C LEU B 135 -7.74 -3.44 -18.12
N VAL B 136 -8.79 -2.93 -17.48
CA VAL B 136 -9.29 -3.48 -16.22
C VAL B 136 -10.62 -4.17 -16.45
N THR B 137 -10.70 -5.44 -16.07
CA THR B 137 -11.94 -6.19 -16.21
C THR B 137 -12.52 -6.31 -14.80
N LEU B 138 -13.79 -5.98 -14.67
CA LEU B 138 -14.47 -6.00 -13.38
C LEU B 138 -15.47 -7.13 -13.20
N ALA B 139 -15.64 -7.56 -11.95
CA ALA B 139 -16.58 -8.62 -11.61
C ALA B 139 -18.01 -8.15 -11.81
N ASP B 140 -18.28 -6.91 -11.41
CA ASP B 140 -19.62 -6.34 -11.54
C ASP B 140 -19.62 -5.21 -12.56
N PRO B 141 -20.81 -4.82 -13.04
CA PRO B 141 -20.93 -3.73 -14.03
C PRO B 141 -20.39 -2.40 -13.54
N VAL B 142 -19.90 -1.60 -14.49
CA VAL B 142 -19.37 -0.28 -14.16
C VAL B 142 -20.53 0.60 -13.72
N GLU B 143 -20.29 1.46 -12.73
CA GLU B 143 -21.32 2.37 -12.23
C GLU B 143 -21.07 3.78 -12.74
N GLU B 144 -22.13 4.58 -12.78
CA GLU B 144 -22.06 5.95 -13.28
C GLU B 144 -21.07 6.88 -12.57
N ASN B 145 -20.78 6.62 -11.31
CA ASN B 145 -19.88 7.48 -10.54
C ASN B 145 -18.39 7.17 -10.70
N TYR B 146 -18.07 6.04 -11.35
CA TYR B 146 -16.68 5.63 -11.51
C TYR B 146 -15.75 6.65 -12.17
N SER B 147 -16.14 7.16 -13.33
CA SER B 147 -15.31 8.11 -14.06
C SER B 147 -14.96 9.34 -13.23
N ALA B 148 -15.96 9.93 -12.59
CA ALA B 148 -15.75 11.12 -11.77
C ALA B 148 -14.89 10.82 -10.55
N ALA B 149 -15.06 9.64 -9.96
CA ALA B 149 -14.28 9.28 -8.79
C ALA B 149 -12.80 9.16 -9.18
N CYS B 150 -12.55 8.53 -10.32
CA CYS B 150 -11.18 8.37 -10.79
C CYS B 150 -10.55 9.71 -11.12
N ALA B 151 -11.31 10.58 -11.78
CA ALA B 151 -10.81 11.91 -12.13
C ALA B 151 -10.55 12.79 -10.92
N GLU B 152 -11.41 12.71 -9.91
CA GLU B 152 -11.27 13.52 -8.70
C GLU B 152 -10.21 12.97 -7.76
N GLY B 153 -10.12 11.65 -7.67
CA GLY B 153 -9.17 11.03 -6.77
C GLY B 153 -9.92 10.25 -5.71
N ILE B 154 -9.33 9.16 -5.26
CA ILE B 154 -9.98 8.32 -4.25
C ILE B 154 -9.07 8.17 -3.04
N LEU B 155 -9.63 8.42 -1.86
CA LEU B 155 -8.86 8.28 -0.61
C LEU B 155 -9.00 6.84 -0.16
N LEU B 156 -7.90 6.09 -0.25
CA LEU B 156 -7.89 4.68 0.11
C LEU B 156 -7.42 4.43 1.53
N ARG B 157 -7.93 3.38 2.15
CA ARG B 157 -7.51 3.03 3.50
C ARG B 157 -6.03 2.69 3.37
N GLY B 158 -5.22 3.19 4.30
CA GLY B 158 -3.79 2.91 4.25
C GLY B 158 -2.99 3.99 3.53
N GLU B 159 -3.69 5.00 3.00
CA GLU B 159 -3.04 6.09 2.28
C GLU B 159 -3.28 7.41 3.00
N LYS B 160 -2.29 8.29 2.94
CA LYS B 160 -2.41 9.60 3.57
C LYS B 160 -2.95 10.61 2.56
N GLU B 161 -2.78 10.29 1.28
CA GLU B 161 -3.25 11.18 0.20
C GLU B 161 -4.14 10.41 -0.76
N PRO B 162 -5.08 11.10 -1.41
CA PRO B 162 -5.96 10.42 -2.36
C PRO B 162 -5.15 10.09 -3.60
N THR B 163 -5.67 9.18 -4.43
CA THR B 163 -4.98 8.85 -5.66
C THR B 163 -4.99 10.08 -6.56
N LYS B 164 -3.95 10.25 -7.36
CA LYS B 164 -3.87 11.39 -8.26
C LYS B 164 -4.94 11.21 -9.34
N PRO B 165 -5.41 12.33 -9.93
CA PRO B 165 -6.43 12.25 -10.97
C PRO B 165 -6.04 11.20 -12.01
N ALA B 166 -7.00 10.36 -12.36
CA ALA B 166 -6.76 9.31 -13.34
C ALA B 166 -7.87 9.33 -14.38
N LYS B 167 -7.54 8.95 -15.61
CA LYS B 167 -8.51 8.95 -16.69
C LYS B 167 -9.15 7.58 -16.92
N LEU B 168 -10.46 7.52 -16.84
CA LEU B 168 -11.20 6.28 -17.03
C LEU B 168 -11.94 6.29 -18.37
N GLU B 169 -11.80 5.23 -19.13
CA GLU B 169 -12.49 5.08 -20.41
C GLU B 169 -13.32 3.81 -20.35
N ILE B 170 -14.64 3.95 -20.48
CA ILE B 170 -15.52 2.79 -20.44
C ILE B 170 -15.60 2.11 -21.80
N LEU B 171 -15.26 0.82 -21.85
CA LEU B 171 -15.29 0.05 -23.08
C LEU B 171 -16.64 -0.64 -23.19
N ASP B 172 -17.05 -1.29 -22.10
CA ASP B 172 -18.34 -1.95 -22.00
C ASP B 172 -18.69 -2.02 -20.52
N ASP B 173 -19.74 -2.74 -20.18
CA ASP B 173 -20.16 -2.83 -18.78
C ASP B 173 -19.17 -3.47 -17.81
N TYR B 174 -18.22 -4.26 -18.32
CA TYR B 174 -17.28 -4.94 -17.44
C TYR B 174 -15.80 -4.66 -17.71
N ASN B 175 -15.53 -3.79 -18.68
CA ASN B 175 -14.15 -3.47 -19.03
C ASN B 175 -13.95 -1.99 -19.22
N VAL B 176 -12.84 -1.48 -18.68
CA VAL B 176 -12.52 -0.07 -18.81
C VAL B 176 -11.01 0.05 -18.97
N ASN B 177 -10.58 1.21 -19.46
CA ASN B 177 -9.16 1.49 -19.57
C ASN B 177 -8.94 2.53 -18.49
N LEU B 178 -7.92 2.34 -17.67
CA LEU B 178 -7.63 3.28 -16.60
C LEU B 178 -6.19 3.73 -16.77
N THR B 179 -6.00 5.04 -16.89
CA THR B 179 -4.66 5.60 -17.04
C THR B 179 -4.25 6.31 -15.77
N ILE B 180 -3.16 5.86 -15.16
CA ILE B 180 -2.65 6.48 -13.95
C ILE B 180 -1.20 6.88 -14.12
N SER B 181 -0.81 7.95 -13.45
CA SER B 181 0.56 8.46 -13.54
C SER B 181 1.35 8.21 -12.26
N GLU B 182 1.01 7.10 -11.59
CA GLU B 182 1.67 6.70 -10.36
C GLU B 182 1.45 5.20 -10.21
N GLY B 183 2.00 4.62 -9.16
CA GLY B 183 1.83 3.19 -8.98
C GLY B 183 1.93 2.76 -7.53
N ARG B 184 0.90 3.08 -6.76
CA ARG B 184 0.89 2.70 -5.36
C ARG B 184 0.67 1.21 -5.25
N TYR B 185 0.89 0.67 -4.07
CA TYR B 185 0.73 -0.76 -3.83
C TYR B 185 -0.65 -1.27 -4.25
N HIS B 186 -0.70 -2.19 -5.21
CA HIS B 186 -1.95 -2.74 -5.70
C HIS B 186 -2.98 -1.64 -5.93
N GLN B 187 -2.52 -0.50 -6.46
CA GLN B 187 -3.41 0.64 -6.65
C GLN B 187 -4.73 0.42 -7.38
N VAL B 188 -4.67 -0.13 -8.59
CA VAL B 188 -5.90 -0.33 -9.35
C VAL B 188 -6.89 -1.26 -8.65
N LYS B 189 -6.39 -2.35 -8.09
CA LYS B 189 -7.26 -3.28 -7.38
C LYS B 189 -7.95 -2.58 -6.22
N ARG B 190 -7.17 -1.81 -5.46
CA ARG B 190 -7.72 -1.09 -4.31
C ARG B 190 -8.70 0.00 -4.69
N MET B 191 -8.46 0.66 -5.81
CA MET B 191 -9.36 1.72 -6.27
C MET B 191 -10.75 1.17 -6.57
N PHE B 192 -10.83 0.10 -7.35
CA PHE B 192 -12.14 -0.46 -7.66
C PHE B 192 -12.78 -1.16 -6.47
N ALA B 193 -11.98 -1.68 -5.56
CA ALA B 193 -12.52 -2.33 -4.37
C ALA B 193 -13.18 -1.25 -3.54
N ALA B 194 -12.53 -0.08 -3.47
CA ALA B 194 -13.06 1.05 -2.70
C ALA B 194 -14.40 1.49 -3.27
N LEU B 195 -14.55 1.36 -4.59
CA LEU B 195 -15.79 1.75 -5.26
C LEU B 195 -16.87 0.67 -5.16
N GLY B 196 -16.55 -0.45 -4.52
CA GLY B 196 -17.51 -1.51 -4.35
C GLY B 196 -17.49 -2.62 -5.40
N ASN B 197 -16.48 -2.61 -6.25
CA ASN B 197 -16.35 -3.63 -7.29
C ASN B 197 -15.15 -4.51 -6.99
N LYS B 198 -14.74 -5.30 -7.98
CA LYS B 198 -13.58 -6.18 -7.82
C LYS B 198 -12.89 -6.39 -9.17
N VAL B 199 -11.57 -6.25 -9.17
CA VAL B 199 -10.80 -6.43 -10.38
C VAL B 199 -10.55 -7.92 -10.57
N VAL B 200 -11.00 -8.46 -11.70
CA VAL B 200 -10.79 -9.88 -11.99
C VAL B 200 -9.80 -10.06 -13.12
N GLY B 201 -9.40 -8.95 -13.74
CA GLY B 201 -8.44 -8.98 -14.83
C GLY B 201 -7.71 -7.65 -14.91
N LEU B 202 -6.39 -7.69 -15.05
CA LEU B 202 -5.61 -6.46 -15.14
C LEU B 202 -4.50 -6.67 -16.16
N HIS B 203 -4.53 -5.89 -17.22
CA HIS B 203 -3.57 -6.01 -18.32
C HIS B 203 -3.01 -4.65 -18.75
N ARG B 204 -1.72 -4.43 -18.57
CA ARG B 204 -1.14 -3.15 -18.98
C ARG B 204 -0.78 -3.21 -20.46
N TRP B 205 -1.23 -2.22 -21.22
CA TRP B 205 -0.92 -2.22 -22.64
C TRP B 205 -0.25 -0.95 -23.13
N LYS B 206 -0.05 0.02 -22.24
CA LYS B 206 0.60 1.26 -22.65
C LYS B 206 1.35 1.96 -21.53
N ILE B 207 2.54 2.45 -21.85
CA ILE B 207 3.37 3.21 -20.93
C ILE B 207 3.80 4.41 -21.75
N GLY B 208 3.43 5.60 -21.29
CA GLY B 208 3.75 6.78 -22.06
C GLY B 208 2.99 6.63 -23.36
N ASP B 209 3.67 6.86 -24.49
CA ASP B 209 3.02 6.72 -25.78
C ASP B 209 3.41 5.40 -26.46
N VAL B 210 4.02 4.50 -25.69
CA VAL B 210 4.45 3.21 -26.23
C VAL B 210 3.42 2.12 -25.93
N VAL B 211 2.91 1.51 -27.00
CA VAL B 211 1.90 0.46 -26.88
C VAL B 211 2.51 -0.94 -27.01
N LEU B 212 2.01 -1.86 -26.19
CA LEU B 212 2.47 -3.23 -26.22
C LEU B 212 2.20 -3.82 -27.60
N ASP B 213 3.23 -4.41 -28.21
CA ASP B 213 3.10 -5.04 -29.53
C ASP B 213 2.09 -6.17 -29.41
N GLU B 214 0.92 -6.02 -30.06
CA GLU B 214 -0.11 -7.03 -29.99
C GLU B 214 0.21 -8.38 -30.61
N SER B 215 1.35 -8.47 -31.29
CA SER B 215 1.74 -9.74 -31.92
C SER B 215 2.55 -10.60 -30.97
N LEU B 216 2.93 -10.03 -29.82
CA LEU B 216 3.71 -10.76 -28.83
C LEU B 216 2.83 -11.68 -28.00
N GLU B 217 3.16 -12.96 -27.98
CA GLU B 217 2.42 -13.92 -27.17
C GLU B 217 2.93 -13.71 -25.75
N GLU B 218 2.20 -14.20 -24.75
CA GLU B 218 2.67 -14.04 -23.39
C GLU B 218 4.00 -14.78 -23.27
N GLY B 219 4.98 -14.11 -22.67
CA GLY B 219 6.29 -14.71 -22.53
C GLY B 219 7.24 -14.30 -23.64
N GLU B 220 6.71 -13.65 -24.67
CA GLU B 220 7.54 -13.20 -25.79
C GLU B 220 7.89 -11.73 -25.64
N TYR B 221 9.05 -11.35 -26.17
CA TYR B 221 9.49 -9.97 -26.10
C TYR B 221 10.15 -9.58 -27.41
N ARG B 222 10.32 -8.27 -27.60
CA ARG B 222 11.01 -7.77 -28.77
C ARG B 222 11.77 -6.52 -28.34
N PRO B 223 12.82 -6.16 -29.08
CA PRO B 223 13.58 -4.97 -28.74
C PRO B 223 12.72 -3.75 -29.06
N LEU B 224 12.92 -2.66 -28.32
CA LEU B 224 12.18 -1.45 -28.60
C LEU B 224 12.83 -0.78 -29.80
N THR B 225 12.07 0.04 -30.52
CA THR B 225 12.65 0.76 -31.65
C THR B 225 13.25 2.02 -31.04
N GLN B 226 14.13 2.69 -31.79
CA GLN B 226 14.75 3.91 -31.28
C GLN B 226 13.65 4.94 -30.98
N SER B 227 12.59 4.94 -31.79
CA SER B 227 11.49 5.87 -31.60
C SER B 227 10.81 5.64 -30.25
N GLU B 228 10.59 4.38 -29.91
CA GLU B 228 9.95 4.04 -28.64
C GLU B 228 10.87 4.39 -27.47
N ILE B 229 12.16 4.12 -27.63
CA ILE B 229 13.14 4.41 -26.58
C ILE B 229 13.12 5.92 -26.30
N GLU B 230 13.17 6.71 -27.36
CA GLU B 230 13.16 8.16 -27.22
C GLU B 230 11.85 8.74 -26.68
N LYS B 231 10.72 8.17 -27.10
CA LYS B 231 9.43 8.65 -26.64
C LYS B 231 9.23 8.47 -25.14
N LEU B 232 9.79 7.39 -24.60
CA LEU B 232 9.64 7.11 -23.18
C LEU B 232 10.39 8.04 -22.24
N VAL B 233 11.34 8.80 -22.77
CA VAL B 233 12.09 9.74 -21.95
C VAL B 233 12.09 11.14 -22.54
C1 BU1 C . -27.03 2.75 26.31
C2 BU1 C . -25.87 1.84 26.69
C3 BU1 C . -25.55 0.83 25.60
C4 BU1 C . -26.53 -0.32 25.63
O5 BU1 C . -28.25 2.18 26.80
O6 BU1 C . -26.31 -1.25 24.59
C1 BU1 D . -0.69 -4.07 10.54
C2 BU1 D . -2.17 -3.69 10.49
C3 BU1 D . -3.04 -4.81 9.87
C4 BU1 D . -3.10 -6.01 10.78
O5 BU1 D . -0.02 -3.53 9.39
O6 BU1 D . -3.89 -7.07 10.22
C1 BU1 E . -1.67 -15.95 8.12
C2 BU1 E . -1.59 -14.45 8.34
C3 BU1 E . -1.80 -14.08 9.79
C4 BU1 E . -1.78 -12.56 9.95
O5 BU1 E . -2.02 -16.17 6.75
O6 BU1 E . -2.87 -11.93 9.26
C1 BU1 F . 5.17 -10.68 23.45
C2 BU1 F . 3.87 -10.43 24.19
C3 BU1 F . 2.71 -11.15 23.53
C4 BU1 F . 1.43 -10.96 24.32
O5 BU1 F . 6.25 -10.16 24.22
O6 BU1 F . 0.35 -11.71 23.76
#